data_8ZTQ
#
_entry.id   8ZTQ
#
_cell.length_a   149.080
_cell.length_b   30.333
_cell.length_c   87.209
_cell.angle_alpha   90.00
_cell.angle_beta   122.48
_cell.angle_gamma   90.00
#
_symmetry.space_group_name_H-M   'C 1 2 1'
#
loop_
_entity.id
_entity.type
_entity.pdbx_description
1 polymer 'Nitrogen fixation protein NifU'
2 non-polymer 'ZINC ION'
3 water water
#
_entity_poly.entity_id   1
_entity_poly.type   'polypeptide(L)'
_entity_poly.pdbx_seq_one_letter_code
;MGYFSDDEAQSRKLILDHYEIPDNKISEDEASKLNDIYVSFNNRTASCIDNLTLYLKEENGIIVDVKFSGIGCAISTAST
DIFCTMIKNKKVNDISDLIRKYFNMIDGDSFNEEELQYLSVFKNISKQLNRIKCAKVGIVAIEQLVTKLEHHHHHH
;
_entity_poly.pdbx_strand_id   A,B
#
# COMPACT_ATOMS: atom_id res chain seq x y z
N MET A 1 13.10 3.28 -26.76
CA MET A 1 14.27 3.97 -27.25
C MET A 1 13.84 5.30 -27.86
N GLY A 2 12.53 5.49 -27.98
CA GLY A 2 11.99 6.65 -28.64
C GLY A 2 12.04 7.89 -27.76
N TYR A 3 11.75 9.03 -28.39
CA TYR A 3 11.78 10.28 -27.65
C TYR A 3 10.59 11.19 -27.91
N PHE A 4 9.49 10.66 -28.46
CA PHE A 4 8.22 11.39 -28.39
C PHE A 4 7.76 11.49 -26.93
N SER A 5 7.65 10.34 -26.27
CA SER A 5 7.27 10.30 -24.88
C SER A 5 8.45 10.65 -23.98
N ASP A 6 8.14 10.93 -22.72
CA ASP A 6 9.19 11.21 -21.75
C ASP A 6 9.65 9.97 -21.01
N ASP A 7 8.76 9.00 -20.83
CA ASP A 7 9.08 7.81 -20.05
C ASP A 7 9.89 6.79 -20.83
N GLU A 8 9.63 6.67 -22.14
CA GLU A 8 10.07 5.50 -22.90
C GLU A 8 11.58 5.30 -22.83
N ALA A 9 12.36 6.31 -23.22
CA ALA A 9 13.81 6.15 -23.28
C ALA A 9 14.42 6.04 -21.89
N GLN A 10 13.94 6.85 -20.95
CA GLN A 10 14.41 6.73 -19.57
C GLN A 10 14.05 5.37 -18.99
N SER A 11 12.89 4.84 -19.36
CA SER A 11 12.46 3.54 -18.89
C SER A 11 13.21 2.40 -19.58
N ARG A 12 13.75 2.63 -20.78
CA ARG A 12 14.45 1.59 -21.51
C ARG A 12 15.97 1.72 -21.41
N LYS A 13 16.46 2.44 -20.41
CA LYS A 13 17.84 2.29 -19.93
C LYS A 13 17.90 1.65 -18.56
N LEU A 14 16.86 1.83 -17.75
CA LEU A 14 16.76 1.10 -16.48
C LEU A 14 16.72 -0.40 -16.72
N ILE A 15 16.02 -0.83 -17.77
CA ILE A 15 15.98 -2.26 -18.11
C ILE A 15 17.33 -2.70 -18.67
N LEU A 16 17.89 -1.90 -19.57
CA LEU A 16 19.14 -2.26 -20.22
C LEU A 16 20.32 -2.28 -19.25
N ASP A 17 20.27 -1.44 -18.21
CA ASP A 17 21.39 -1.35 -17.28
C ASP A 17 21.23 -2.25 -16.06
N HIS A 18 20.06 -2.83 -15.86
CA HIS A 18 19.87 -3.86 -14.83
C HIS A 18 19.83 -5.26 -15.43
N TYR A 19 20.17 -5.39 -16.70
CA TYR A 19 20.23 -6.65 -17.42
C TYR A 19 21.60 -6.95 -17.99
N GLU A 20 22.33 -5.92 -18.42
CA GLU A 20 23.73 -6.08 -18.79
C GLU A 20 24.65 -5.92 -17.59
N ILE A 21 24.27 -5.06 -16.64
CA ILE A 21 24.99 -4.91 -15.38
C ILE A 21 23.99 -5.05 -14.24
N PRO A 22 23.56 -6.26 -13.90
CA PRO A 22 22.74 -6.43 -12.70
C PRO A 22 23.55 -6.19 -11.44
N ASP A 23 22.90 -5.61 -10.43
CA ASP A 23 23.58 -5.31 -9.18
C ASP A 23 23.69 -6.54 -8.29
N ASN A 24 22.59 -7.29 -8.13
CA ASN A 24 22.55 -8.41 -7.19
C ASN A 24 22.61 -9.78 -7.86
N LYS A 25 23.18 -9.86 -9.07
CA LYS A 25 23.27 -11.14 -9.75
C LYS A 25 24.62 -11.78 -9.47
N ILE A 26 24.60 -13.01 -8.96
CA ILE A 26 25.80 -13.72 -8.57
C ILE A 26 26.09 -14.81 -9.60
N SER A 27 27.28 -15.39 -9.49
CA SER A 27 27.63 -16.53 -10.32
C SER A 27 27.16 -17.83 -9.67
N GLU A 28 27.16 -18.90 -10.45
CA GLU A 28 26.93 -20.21 -9.86
C GLU A 28 28.11 -20.63 -8.99
N ASP A 29 29.30 -20.07 -9.24
CA ASP A 29 30.39 -20.25 -8.30
C ASP A 29 30.10 -19.54 -6.99
N GLU A 30 29.72 -18.26 -7.06
CA GLU A 30 29.50 -17.46 -5.86
C GLU A 30 28.29 -17.93 -5.06
N ALA A 31 27.32 -18.57 -5.72
CA ALA A 31 26.11 -19.01 -5.02
C ALA A 31 26.37 -20.24 -4.17
N SER A 32 27.17 -21.18 -4.68
CA SER A 32 27.45 -22.41 -3.95
C SER A 32 28.20 -22.16 -2.66
N LYS A 33 29.04 -21.12 -2.62
CA LYS A 33 29.83 -20.79 -1.44
C LYS A 33 29.13 -19.80 -0.52
N LEU A 34 27.85 -19.55 -0.74
CA LEU A 34 27.09 -18.70 0.17
C LEU A 34 26.90 -19.41 1.51
N ASN A 35 26.79 -18.62 2.56
CA ASN A 35 26.49 -19.18 3.87
C ASN A 35 25.16 -19.90 3.84
N ASP A 36 25.05 -21.02 4.55
CA ASP A 36 23.81 -21.76 4.55
C ASP A 36 22.72 -21.09 5.37
N ILE A 37 22.90 -19.80 5.66
CA ILE A 37 21.81 -18.99 6.20
C ILE A 37 20.86 -18.52 5.11
N TYR A 38 21.26 -18.67 3.85
CA TYR A 38 20.43 -18.25 2.74
C TYR A 38 19.40 -19.32 2.40
N VAL A 39 18.22 -18.87 2.00
CA VAL A 39 17.20 -19.75 1.44
C VAL A 39 17.23 -19.58 -0.07
N SER A 40 16.62 -20.52 -0.78
CA SER A 40 16.72 -20.57 -2.23
C SER A 40 15.41 -21.03 -2.84
N PHE A 41 15.08 -20.48 -4.01
CA PHE A 41 13.96 -20.95 -4.80
C PHE A 41 14.27 -20.71 -6.26
N ASN A 42 14.09 -21.74 -7.09
CA ASN A 42 14.29 -21.65 -8.53
C ASN A 42 12.94 -21.72 -9.21
N ASN A 43 12.61 -20.71 -10.00
CA ASN A 43 11.40 -20.68 -10.78
C ASN A 43 11.75 -20.57 -12.25
N ARG A 44 11.05 -21.35 -13.08
CA ARG A 44 11.32 -21.41 -14.50
C ARG A 44 10.05 -21.16 -15.28
N THR A 45 10.15 -20.36 -16.34
CA THR A 45 9.05 -20.16 -17.27
C THR A 45 9.37 -20.88 -18.58
N ALA A 46 8.32 -21.35 -19.24
CA ALA A 46 8.46 -22.00 -20.53
C ALA A 46 8.16 -21.07 -21.69
N SER A 47 7.88 -19.80 -21.41
CA SER A 47 7.63 -18.81 -22.44
C SER A 47 8.87 -18.02 -22.83
N CYS A 48 9.98 -18.23 -22.12
CA CYS A 48 11.23 -17.56 -22.41
C CYS A 48 12.36 -18.45 -21.88
N ILE A 49 13.55 -17.88 -21.75
CA ILE A 49 14.72 -18.61 -21.24
C ILE A 49 14.93 -18.28 -19.77
N ASP A 50 13.89 -17.76 -19.12
CA ASP A 50 14.01 -17.26 -17.75
C ASP A 50 13.93 -18.43 -16.78
N ASN A 51 15.08 -18.81 -16.23
CA ASN A 51 15.16 -19.81 -15.16
C ASN A 51 16.12 -19.25 -14.12
N LEU A 52 15.58 -18.72 -13.04
CA LEU A 52 16.35 -17.99 -12.04
C LEU A 52 16.22 -18.63 -10.68
N THR A 53 17.31 -18.60 -9.91
CA THR A 53 17.31 -19.03 -8.52
C THR A 53 17.54 -17.80 -7.65
N LEU A 54 16.64 -17.59 -6.69
CA LEU A 54 16.73 -16.46 -5.78
C LEU A 54 17.36 -16.89 -4.46
N TYR A 55 17.93 -15.91 -3.75
CA TYR A 55 18.61 -16.16 -2.49
C TYR A 55 18.28 -15.02 -1.54
N LEU A 56 17.61 -15.35 -0.43
CA LEU A 56 17.28 -14.39 0.60
C LEU A 56 17.87 -14.83 1.93
N LYS A 57 18.24 -13.84 2.75
CA LYS A 57 18.83 -14.06 4.06
C LYS A 57 18.09 -13.20 5.08
N GLU A 58 17.57 -13.83 6.13
CA GLU A 58 16.78 -13.15 7.14
C GLU A 58 17.60 -12.95 8.40
N GLU A 59 17.45 -11.77 9.02
CA GLU A 59 18.12 -11.44 10.27
C GLU A 59 17.11 -10.72 11.16
N ASN A 60 16.37 -11.50 11.95
CA ASN A 60 15.36 -11.00 12.89
C ASN A 60 14.29 -10.19 12.15
N GLY A 61 13.55 -10.88 11.27
CA GLY A 61 12.47 -10.26 10.55
C GLY A 61 12.85 -9.24 9.52
N ILE A 62 14.15 -9.07 9.24
CA ILE A 62 14.62 -8.13 8.24
C ILE A 62 15.42 -8.89 7.18
N ILE A 63 15.05 -8.70 5.92
CA ILE A 63 15.82 -9.29 4.83
C ILE A 63 17.07 -8.43 4.64
N VAL A 64 18.25 -9.01 4.87
CA VAL A 64 19.47 -8.23 4.91
C VAL A 64 20.21 -8.27 3.57
N ASP A 65 20.26 -9.44 2.95
CA ASP A 65 20.92 -9.58 1.66
C ASP A 65 20.02 -10.37 0.73
N VAL A 66 19.89 -9.90 -0.52
CA VAL A 66 19.17 -10.61 -1.56
C VAL A 66 20.07 -10.69 -2.78
N LYS A 67 20.19 -11.90 -3.33
CA LYS A 67 20.92 -12.13 -4.57
C LYS A 67 20.09 -13.07 -5.44
N PHE A 68 20.35 -13.00 -6.75
CA PHE A 68 19.68 -13.87 -7.72
C PHE A 68 20.71 -14.37 -8.72
N SER A 69 20.40 -15.50 -9.35
CA SER A 69 21.31 -16.12 -10.31
C SER A 69 20.49 -16.81 -11.38
N GLY A 70 21.18 -17.21 -12.46
CA GLY A 70 20.55 -18.00 -13.50
C GLY A 70 20.36 -17.29 -14.84
N ILE A 71 19.55 -17.87 -15.71
CA ILE A 71 19.31 -17.32 -17.04
C ILE A 71 18.07 -16.45 -16.99
N GLY A 72 18.04 -15.39 -17.78
CA GLY A 72 16.90 -14.51 -17.80
C GLY A 72 17.03 -13.46 -18.87
N CYS A 73 15.88 -12.91 -19.27
CA CYS A 73 15.85 -11.82 -20.23
C CYS A 73 15.96 -10.48 -19.50
N ALA A 74 15.86 -9.40 -20.26
CA ALA A 74 15.92 -8.07 -19.68
C ALA A 74 14.75 -7.82 -18.74
N ILE A 75 13.55 -8.28 -19.10
CA ILE A 75 12.38 -8.09 -18.24
C ILE A 75 12.51 -8.91 -16.97
N SER A 76 13.18 -10.06 -17.04
CA SER A 76 13.35 -10.88 -15.85
C SER A 76 14.51 -10.40 -15.00
N THR A 77 15.61 -9.99 -15.63
CA THR A 77 16.79 -9.60 -14.87
C THR A 77 16.64 -8.20 -14.29
N ALA A 78 15.85 -7.33 -14.93
CA ALA A 78 15.58 -6.02 -14.37
C ALA A 78 14.53 -6.07 -13.26
N SER A 79 13.42 -6.78 -13.51
CA SER A 79 12.38 -6.88 -12.49
C SER A 79 12.91 -7.53 -11.22
N THR A 80 13.74 -8.57 -11.34
CA THR A 80 14.29 -9.21 -10.16
C THR A 80 15.28 -8.29 -9.46
N ASP A 81 16.20 -7.69 -10.22
CA ASP A 81 17.26 -6.89 -9.62
C ASP A 81 16.68 -5.64 -8.96
N ILE A 82 15.88 -4.86 -9.70
CA ILE A 82 15.26 -3.68 -9.12
C ILE A 82 14.46 -4.05 -7.89
N PHE A 83 13.75 -5.18 -7.93
CA PHE A 83 13.04 -5.67 -6.75
C PHE A 83 14.02 -6.02 -5.64
N CYS A 84 15.15 -6.65 -6.00
CA CYS A 84 16.14 -7.06 -5.00
C CYS A 84 16.75 -5.86 -4.29
N THR A 85 17.05 -4.78 -5.03
CA THR A 85 17.66 -3.62 -4.39
C THR A 85 16.70 -2.92 -3.44
N MET A 86 15.40 -3.07 -3.65
CA MET A 86 14.40 -2.35 -2.88
C MET A 86 13.98 -3.09 -1.63
N ILE A 87 14.00 -4.43 -1.66
CA ILE A 87 13.63 -5.24 -0.51
C ILE A 87 14.87 -5.50 0.35
N LYS A 88 15.89 -4.65 0.20
CA LYS A 88 17.25 -4.94 0.61
C LYS A 88 17.49 -4.85 2.12
N ASN A 89 16.79 -3.95 2.82
CA ASN A 89 16.90 -3.90 4.29
C ASN A 89 15.51 -3.80 4.91
N LYS A 90 14.47 -4.08 4.14
CA LYS A 90 13.12 -4.03 4.62
C LYS A 90 12.78 -5.33 5.34
N LYS A 91 11.57 -5.39 5.88
CA LYS A 91 11.16 -6.49 6.73
C LYS A 91 10.34 -7.50 5.94
N VAL A 92 10.11 -8.66 6.58
CA VAL A 92 9.41 -9.75 5.91
C VAL A 92 7.93 -9.44 5.72
N ASN A 93 7.40 -8.45 6.44
CA ASN A 93 6.22 -7.74 5.99
C ASN A 93 6.66 -6.38 5.43
N ASP A 94 5.87 -5.88 4.50
CA ASP A 94 6.13 -4.77 3.60
C ASP A 94 6.93 -5.24 2.38
N ILE A 95 7.34 -6.50 2.34
CA ILE A 95 7.82 -7.09 1.09
C ILE A 95 6.69 -7.84 0.40
N SER A 96 5.97 -8.69 1.17
CA SER A 96 4.79 -9.36 0.65
C SER A 96 3.77 -8.38 0.10
N ASP A 97 3.78 -7.14 0.57
CA ASP A 97 2.89 -6.12 0.01
C ASP A 97 3.36 -5.69 -1.37
N LEU A 98 4.64 -5.33 -1.49
CA LEU A 98 5.20 -4.93 -2.78
C LEU A 98 4.94 -5.99 -3.84
N ILE A 99 5.05 -7.26 -3.46
CA ILE A 99 4.92 -8.35 -4.43
C ILE A 99 3.53 -8.35 -5.06
N ARG A 100 2.50 -8.30 -4.22
CA ARG A 100 1.15 -8.31 -4.76
C ARG A 100 0.77 -6.97 -5.37
N LYS A 101 1.28 -5.86 -4.83
CA LYS A 101 1.04 -4.56 -5.46
C LYS A 101 1.74 -4.48 -6.81
N TYR A 102 2.96 -5.04 -6.91
CA TYR A 102 3.64 -5.13 -8.19
C TYR A 102 2.86 -6.01 -9.16
N PHE A 103 2.33 -7.13 -8.66
CA PHE A 103 1.58 -8.05 -9.51
C PHE A 103 0.28 -7.44 -10.01
N ASN A 104 -0.33 -6.56 -9.22
CA ASN A 104 -1.56 -5.90 -9.67
C ASN A 104 -1.26 -4.86 -10.75
N MET A 105 -0.13 -4.18 -10.65
CA MET A 105 0.29 -3.28 -11.72
C MET A 105 0.70 -4.07 -12.96
N ILE A 106 1.37 -5.21 -12.76
CA ILE A 106 1.69 -6.08 -13.88
C ILE A 106 0.41 -6.61 -14.52
N ASP A 107 -0.62 -6.83 -13.70
CA ASP A 107 -1.93 -7.25 -14.18
C ASP A 107 -2.80 -6.07 -14.61
N GLY A 108 -2.20 -4.90 -14.80
CA GLY A 108 -2.89 -3.78 -15.41
C GLY A 108 -3.88 -3.06 -14.51
N ASP A 109 -3.55 -2.90 -13.23
CA ASP A 109 -4.44 -2.30 -12.26
C ASP A 109 -3.65 -1.33 -11.39
N SER A 110 -4.30 -0.83 -10.35
CA SER A 110 -3.81 0.32 -9.61
C SER A 110 -2.41 0.09 -9.05
N PHE A 111 -1.58 1.12 -9.15
CA PHE A 111 -0.25 1.11 -8.58
C PHE A 111 0.09 2.50 -8.08
N ASN A 112 0.98 2.56 -7.10
CA ASN A 112 1.48 3.82 -6.57
C ASN A 112 2.93 3.95 -6.98
N GLU A 113 3.23 4.94 -7.83
CA GLU A 113 4.60 5.15 -8.28
C GLU A 113 5.52 5.52 -7.13
N GLU A 114 4.98 5.98 -5.99
CA GLU A 114 5.80 6.21 -4.82
C GLU A 114 6.13 4.91 -4.08
N GLU A 115 5.21 3.93 -4.10
CA GLU A 115 5.48 2.67 -3.44
C GLU A 115 6.27 1.71 -4.35
N LEU A 116 5.90 1.64 -5.63
CA LEU A 116 6.57 0.70 -6.53
C LEU A 116 7.85 1.27 -7.12
N GLN A 117 7.94 2.59 -7.25
CA GLN A 117 9.17 3.30 -7.61
C GLN A 117 9.63 2.84 -8.98
N TYR A 118 10.86 2.34 -9.13
CA TYR A 118 11.39 1.93 -10.42
C TYR A 118 10.79 0.63 -10.94
N LEU A 119 9.86 0.03 -10.21
CA LEU A 119 9.06 -1.05 -10.78
C LEU A 119 7.93 -0.52 -11.63
N SER A 120 7.71 0.80 -11.60
CA SER A 120 6.67 1.43 -12.39
C SER A 120 7.03 1.54 -13.86
N VAL A 121 8.27 1.20 -14.25
CA VAL A 121 8.58 1.09 -15.67
C VAL A 121 7.91 -0.15 -16.26
N PHE A 122 7.59 -1.14 -15.43
CA PHE A 122 6.87 -2.33 -15.83
C PHE A 122 5.37 -2.15 -15.77
N LYS A 123 4.88 -0.90 -15.73
CA LYS A 123 3.46 -0.67 -15.46
C LYS A 123 2.56 -1.18 -16.58
N ASN A 124 3.09 -1.37 -17.78
CA ASN A 124 2.33 -1.87 -18.92
C ASN A 124 3.16 -2.92 -19.65
N ILE A 125 3.36 -4.05 -18.97
CA ILE A 125 3.91 -5.23 -19.62
C ILE A 125 2.79 -6.15 -20.11
N SER A 126 1.60 -6.07 -19.50
CA SER A 126 0.41 -6.77 -19.96
C SER A 126 -0.04 -6.34 -21.34
N LYS A 127 0.58 -5.30 -21.91
CA LYS A 127 0.36 -4.91 -23.29
C LYS A 127 1.38 -5.50 -24.24
N GLN A 128 2.59 -5.76 -23.75
CA GLN A 128 3.56 -6.55 -24.50
C GLN A 128 3.24 -8.02 -24.34
N LEU A 129 3.30 -8.76 -25.46
CA LEU A 129 2.89 -10.15 -25.44
C LEU A 129 3.95 -11.04 -24.82
N ASN A 130 3.49 -12.13 -24.18
CA ASN A 130 4.32 -13.12 -23.50
C ASN A 130 5.49 -12.51 -22.75
N ARG A 131 5.27 -11.36 -22.12
CA ARG A 131 6.24 -10.73 -21.25
C ARG A 131 5.76 -10.66 -19.80
N ILE A 132 4.52 -11.06 -19.53
CA ILE A 132 3.97 -11.00 -18.18
C ILE A 132 4.68 -12.01 -17.28
N LYS A 133 4.90 -13.22 -17.80
CA LYS A 133 5.62 -14.24 -17.02
C LYS A 133 7.10 -13.90 -16.88
N CYS A 134 7.63 -13.05 -17.76
CA CYS A 134 9.01 -12.61 -17.64
C CYS A 134 9.21 -11.62 -16.51
N ALA A 135 8.18 -10.84 -16.19
CA ALA A 135 8.20 -9.86 -15.11
C ALA A 135 7.57 -10.38 -13.83
N LYS A 136 7.17 -11.65 -13.81
CA LYS A 136 6.65 -12.30 -12.61
C LYS A 136 7.52 -13.45 -12.13
N VAL A 137 8.45 -13.93 -12.96
CA VAL A 137 9.13 -15.19 -12.67
C VAL A 137 10.05 -15.04 -11.46
N GLY A 138 10.85 -13.98 -11.43
CA GLY A 138 11.80 -13.77 -10.34
C GLY A 138 11.18 -13.27 -9.06
N ILE A 139 10.03 -12.60 -9.13
CA ILE A 139 9.36 -12.10 -7.94
C ILE A 139 8.43 -13.16 -7.33
N VAL A 140 7.96 -14.11 -8.13
CA VAL A 140 7.25 -15.26 -7.57
C VAL A 140 8.21 -16.12 -6.75
N ALA A 141 9.47 -16.24 -7.19
CA ALA A 141 10.47 -16.95 -6.41
C ALA A 141 10.70 -16.27 -5.06
N ILE A 142 10.79 -14.94 -5.07
CA ILE A 142 10.88 -14.19 -3.82
C ILE A 142 9.64 -14.43 -2.96
N GLU A 143 8.47 -14.47 -3.61
CA GLU A 143 7.22 -14.66 -2.90
C GLU A 143 7.22 -15.93 -2.07
N GLN A 144 7.68 -17.04 -2.66
CA GLN A 144 7.78 -18.30 -1.93
C GLN A 144 8.74 -18.17 -0.77
N LEU A 145 9.90 -17.53 -1.00
CA LEU A 145 10.93 -17.45 0.03
C LEU A 145 10.53 -16.56 1.20
N VAL A 146 9.52 -15.70 1.02
CA VAL A 146 9.03 -14.91 2.15
C VAL A 146 7.96 -15.68 2.94
N THR A 147 7.14 -16.48 2.27
CA THR A 147 6.12 -17.25 2.98
C THR A 147 6.70 -18.57 3.50
N LYS A 148 7.32 -19.35 2.62
CA LYS A 148 7.86 -20.64 2.99
C LYS A 148 9.38 -20.67 2.86
N PHE B 4 -15.56 31.65 -7.71
CA PHE B 4 -14.59 31.36 -6.66
C PHE B 4 -13.46 30.51 -7.24
N SER B 5 -13.26 29.32 -6.68
CA SER B 5 -12.33 28.36 -7.25
C SER B 5 -13.14 27.26 -7.94
N ASP B 6 -12.55 26.08 -8.10
CA ASP B 6 -13.30 24.94 -8.61
C ASP B 6 -13.62 23.92 -7.54
N ASP B 7 -12.79 23.80 -6.49
CA ASP B 7 -12.91 22.74 -5.50
C ASP B 7 -12.87 23.33 -4.09
N GLU B 8 -13.82 24.19 -3.81
CA GLU B 8 -14.02 24.68 -2.44
C GLU B 8 -15.46 24.57 -1.98
N ALA B 9 -16.42 24.88 -2.85
CA ALA B 9 -17.82 24.73 -2.44
C ALA B 9 -18.28 23.27 -2.51
N GLN B 10 -17.80 22.50 -3.50
CA GLN B 10 -18.10 21.07 -3.50
C GLN B 10 -17.37 20.38 -2.37
N SER B 11 -16.23 20.93 -1.94
CA SER B 11 -15.52 20.36 -0.80
C SER B 11 -16.22 20.71 0.51
N ARG B 12 -16.77 21.92 0.60
CA ARG B 12 -17.48 22.33 1.81
C ARG B 12 -18.86 21.71 1.92
N LYS B 13 -19.48 21.31 0.81
CA LYS B 13 -20.74 20.57 0.89
C LYS B 13 -20.52 19.16 1.43
N LEU B 14 -19.38 18.55 1.10
CA LEU B 14 -19.07 17.21 1.60
C LEU B 14 -18.92 17.22 3.12
N ILE B 15 -18.20 18.20 3.65
CA ILE B 15 -17.99 18.25 5.10
C ILE B 15 -19.29 18.60 5.80
N LEU B 16 -20.07 19.50 5.21
CA LEU B 16 -21.32 19.93 5.84
C LEU B 16 -22.34 18.80 5.87
N ASP B 17 -22.51 18.10 4.74
CA ASP B 17 -23.46 17.02 4.69
C ASP B 17 -23.11 15.92 5.70
N HIS B 18 -21.87 15.46 5.68
CA HIS B 18 -21.44 14.38 6.57
C HIS B 18 -21.30 14.80 8.02
N TYR B 19 -21.59 16.06 8.35
CA TYR B 19 -21.58 16.54 9.73
C TYR B 19 -22.96 16.85 10.26
N GLU B 20 -23.87 17.36 9.43
CA GLU B 20 -25.25 17.47 9.84
C GLU B 20 -26.01 16.17 9.57
N ILE B 21 -25.68 15.48 8.50
CA ILE B 21 -26.32 14.20 8.15
C ILE B 21 -25.23 13.16 7.94
N PRO B 22 -24.70 12.58 9.01
CA PRO B 22 -23.68 11.54 8.85
C PRO B 22 -24.29 10.21 8.45
N ASP B 23 -23.54 9.46 7.65
CA ASP B 23 -24.03 8.17 7.16
C ASP B 23 -23.92 7.08 8.21
N ASN B 24 -22.73 6.91 8.80
CA ASN B 24 -22.46 5.77 9.66
C ASN B 24 -22.39 6.15 11.14
N LYS B 25 -23.05 7.23 11.53
CA LYS B 25 -23.12 7.57 12.95
C LYS B 25 -24.25 6.80 13.61
N ILE B 26 -24.02 6.37 14.86
CA ILE B 26 -25.04 5.69 15.63
C ILE B 26 -25.25 6.46 16.93
N SER B 27 -26.44 6.29 17.50
CA SER B 27 -26.73 6.91 18.78
C SER B 27 -26.13 6.07 19.91
N GLU B 28 -26.15 6.64 21.11
CA GLU B 28 -25.69 5.95 22.30
C GLU B 28 -26.74 5.03 22.86
N ASP B 29 -27.93 4.98 22.26
CA ASP B 29 -28.89 3.93 22.55
C ASP B 29 -28.76 2.78 21.57
N GLU B 30 -28.32 3.08 20.35
CA GLU B 30 -28.05 2.07 19.33
C GLU B 30 -26.68 1.42 19.49
N ALA B 31 -25.80 2.01 20.29
CA ALA B 31 -24.49 1.43 20.52
C ALA B 31 -24.51 0.44 21.67
N SER B 32 -25.30 0.72 22.70
CA SER B 32 -25.42 -0.22 23.82
C SER B 32 -26.02 -1.54 23.36
N LYS B 33 -26.87 -1.51 22.33
CA LYS B 33 -27.51 -2.71 21.79
C LYS B 33 -26.77 -3.27 20.58
N LEU B 34 -25.51 -2.89 20.39
CA LEU B 34 -24.72 -3.52 19.34
C LEU B 34 -24.26 -4.90 19.80
N ASN B 35 -24.12 -5.81 18.83
CA ASN B 35 -23.64 -7.14 19.15
C ASN B 35 -22.24 -7.07 19.73
N ASP B 36 -21.96 -7.91 20.73
CA ASP B 36 -20.64 -7.90 21.34
C ASP B 36 -19.55 -8.38 20.40
N ILE B 37 -19.89 -8.71 19.15
CA ILE B 37 -18.89 -9.01 18.15
C ILE B 37 -18.15 -7.75 17.72
N TYR B 38 -18.74 -6.58 17.94
CA TYR B 38 -18.07 -5.32 17.64
C TYR B 38 -16.98 -5.03 18.66
N VAL B 39 -16.01 -4.22 18.24
CA VAL B 39 -14.93 -3.75 19.10
C VAL B 39 -14.96 -2.22 19.12
N SER B 40 -14.67 -1.64 20.27
CA SER B 40 -14.78 -0.21 20.47
C SER B 40 -13.42 0.41 20.74
N PHE B 41 -13.32 1.71 20.42
CA PHE B 41 -12.19 2.53 20.83
C PHE B 41 -12.65 3.98 20.87
N ASN B 42 -12.47 4.62 22.02
CA ASN B 42 -12.84 6.02 22.22
C ASN B 42 -11.56 6.85 22.30
N ASN B 43 -11.45 7.84 21.41
CA ASN B 43 -10.34 8.78 21.43
C ASN B 43 -10.88 10.19 21.54
N ARG B 44 -10.24 11.00 22.37
CA ARG B 44 -10.68 12.36 22.65
C ARG B 44 -9.52 13.31 22.42
N THR B 45 -9.83 14.50 21.92
CA THR B 45 -8.85 15.56 21.79
C THR B 45 -9.26 16.75 22.65
N ALA B 46 -8.28 17.49 23.13
CA ALA B 46 -8.52 18.65 23.96
C ALA B 46 -8.47 19.97 23.19
N SER B 47 -8.31 19.92 21.87
CA SER B 47 -8.33 21.14 21.07
C SER B 47 -9.71 21.46 20.53
N CYS B 48 -10.62 20.49 20.47
CA CYS B 48 -11.98 20.70 20.02
C CYS B 48 -12.94 20.05 21.01
N ILE B 49 -14.10 19.59 20.53
CA ILE B 49 -15.04 18.83 21.35
C ILE B 49 -15.14 17.38 20.87
N ASP B 50 -14.16 16.91 20.10
CA ASP B 50 -14.25 15.61 19.45
C ASP B 50 -13.91 14.51 20.44
N ASN B 51 -14.93 13.78 20.88
CA ASN B 51 -14.77 12.59 21.71
C ASN B 51 -15.58 11.51 21.02
N LEU B 52 -14.89 10.64 20.27
CA LEU B 52 -15.51 9.72 19.34
C LEU B 52 -15.26 8.28 19.78
N THR B 53 -16.32 7.48 19.79
CA THR B 53 -16.21 6.05 20.02
C THR B 53 -16.45 5.34 18.69
N LEU B 54 -15.47 4.59 18.24
CA LEU B 54 -15.57 3.86 16.98
C LEU B 54 -16.01 2.42 17.24
N TYR B 55 -16.69 1.84 16.25
CA TYR B 55 -17.19 0.47 16.36
C TYR B 55 -16.91 -0.25 15.04
N LEU B 56 -16.13 -1.33 15.10
CA LEU B 56 -15.80 -2.13 13.93
C LEU B 56 -16.15 -3.58 14.18
N LYS B 57 -16.57 -4.27 13.11
CA LYS B 57 -16.94 -5.67 13.16
C LYS B 57 -16.24 -6.40 12.02
N GLU B 58 -15.57 -7.51 12.34
CA GLU B 58 -14.77 -8.25 11.38
C GLU B 58 -15.33 -9.67 11.23
N GLU B 59 -15.66 -10.04 10.00
CA GLU B 59 -16.06 -11.40 9.66
C GLU B 59 -15.13 -11.90 8.57
N ASN B 60 -14.17 -12.77 8.96
CA ASN B 60 -13.18 -13.36 8.05
C ASN B 60 -12.25 -12.31 7.45
N GLY B 61 -11.65 -11.51 8.33
CA GLY B 61 -10.68 -10.52 7.89
C GLY B 61 -11.26 -9.40 7.06
N ILE B 62 -12.58 -9.22 7.09
CA ILE B 62 -13.26 -8.19 6.32
C ILE B 62 -14.03 -7.31 7.29
N ILE B 63 -13.87 -6.00 7.17
CA ILE B 63 -14.63 -5.04 7.99
C ILE B 63 -15.99 -4.91 7.33
N VAL B 64 -17.00 -5.57 7.89
CA VAL B 64 -18.31 -5.64 7.24
C VAL B 64 -19.18 -4.44 7.57
N ASP B 65 -19.20 -4.03 8.83
CA ASP B 65 -19.98 -2.88 9.27
C ASP B 65 -19.13 -1.99 10.13
N VAL B 66 -19.09 -0.71 9.80
CA VAL B 66 -18.36 0.28 10.58
C VAL B 66 -19.35 1.36 11.01
N LYS B 67 -19.34 1.69 12.30
CA LYS B 67 -20.20 2.73 12.85
C LYS B 67 -19.39 3.54 13.86
N PHE B 68 -19.88 4.75 14.16
CA PHE B 68 -19.23 5.62 15.13
C PHE B 68 -20.28 6.45 15.86
N SER B 69 -19.89 6.96 17.03
CA SER B 69 -20.75 7.77 17.88
C SER B 69 -19.91 8.88 18.51
N GLY B 70 -20.55 9.69 19.37
CA GLY B 70 -19.85 10.67 20.17
C GLY B 70 -20.03 12.09 19.65
N ILE B 71 -19.27 13.00 20.25
CA ILE B 71 -19.24 14.41 19.87
C ILE B 71 -18.12 14.60 18.87
N GLY B 72 -18.30 15.53 17.94
CA GLY B 72 -17.28 15.84 16.97
C GLY B 72 -17.62 17.07 16.16
N CYS B 73 -16.60 17.81 15.73
CA CYS B 73 -16.81 18.94 14.83
C CYS B 73 -17.06 18.40 13.43
N ALA B 74 -17.11 19.31 12.44
CA ALA B 74 -17.32 18.90 11.06
C ALA B 74 -16.16 18.07 10.54
N ILE B 75 -14.93 18.50 10.80
CA ILE B 75 -13.76 17.79 10.29
C ILE B 75 -13.59 16.44 10.97
N SER B 76 -14.17 16.28 12.17
CA SER B 76 -14.15 14.96 12.80
C SER B 76 -15.27 14.08 12.25
N THR B 77 -16.48 14.62 12.17
CA THR B 77 -17.61 13.82 11.72
C THR B 77 -17.51 13.48 10.24
N ALA B 78 -16.92 14.35 9.43
CA ALA B 78 -16.76 14.08 8.00
C ALA B 78 -15.61 13.11 7.74
N SER B 79 -14.45 13.37 8.34
CA SER B 79 -13.31 12.49 8.15
C SER B 79 -13.63 11.07 8.61
N THR B 80 -14.22 10.94 9.80
CA THR B 80 -14.59 9.62 10.30
C THR B 80 -15.59 8.95 9.37
N ASP B 81 -16.68 9.64 9.05
CA ASP B 81 -17.78 9.04 8.29
C ASP B 81 -17.31 8.61 6.91
N ILE B 82 -16.63 9.51 6.19
CA ILE B 82 -16.17 9.18 4.86
C ILE B 82 -15.15 8.04 4.90
N PHE B 83 -14.26 8.05 5.89
CA PHE B 83 -13.41 6.89 6.16
C PHE B 83 -14.26 5.70 6.60
N CYS B 84 -15.25 5.93 7.47
CA CYS B 84 -16.11 4.84 7.95
C CYS B 84 -16.93 4.24 6.82
N THR B 85 -17.17 4.99 5.75
CA THR B 85 -17.93 4.51 4.61
C THR B 85 -17.06 3.90 3.52
N MET B 86 -15.74 4.06 3.61
CA MET B 86 -14.83 3.53 2.59
C MET B 86 -14.13 2.26 2.99
N ILE B 87 -13.93 2.03 4.29
CA ILE B 87 -13.29 0.80 4.75
C ILE B 87 -14.34 -0.30 4.83
N LYS B 88 -15.55 -0.01 4.35
CA LYS B 88 -16.60 -1.02 4.27
C LYS B 88 -16.17 -2.15 3.36
N ASN B 89 -16.37 -3.38 3.84
CA ASN B 89 -16.12 -4.60 3.05
C ASN B 89 -14.70 -4.62 2.48
N LYS B 90 -13.77 -3.99 3.19
CA LYS B 90 -12.36 -4.02 2.83
C LYS B 90 -11.61 -4.93 3.80
N LYS B 91 -10.35 -5.21 3.46
CA LYS B 91 -9.53 -6.11 4.25
C LYS B 91 -8.82 -5.33 5.35
N VAL B 92 -8.80 -5.92 6.55
CA VAL B 92 -8.28 -5.29 7.78
C VAL B 92 -6.92 -4.63 7.56
N ASN B 93 -6.05 -5.30 6.80
CA ASN B 93 -4.69 -4.80 6.60
C ASN B 93 -4.44 -4.37 5.16
N ASP B 94 -5.49 -4.17 4.38
CA ASP B 94 -5.47 -3.25 3.26
C ASP B 94 -6.02 -1.89 3.66
N ILE B 95 -6.49 -1.77 4.90
CA ILE B 95 -7.00 -0.54 5.45
C ILE B 95 -5.92 0.23 6.21
N SER B 96 -5.01 -0.49 6.87
CA SER B 96 -3.87 0.17 7.52
C SER B 96 -3.02 0.96 6.53
N ASP B 97 -3.10 0.61 5.24
CA ASP B 97 -2.38 1.37 4.21
C ASP B 97 -3.10 2.67 3.91
N LEU B 98 -4.39 2.59 3.60
CA LEU B 98 -5.22 3.79 3.47
C LEU B 98 -5.12 4.69 4.70
N ILE B 99 -4.75 4.10 5.85
CA ILE B 99 -4.66 4.88 7.08
C ILE B 99 -3.43 5.79 7.05
N ARG B 100 -2.30 5.26 6.57
CA ARG B 100 -1.07 6.04 6.58
C ARG B 100 -0.78 6.68 5.22
N LYS B 101 -1.75 6.68 4.31
CA LYS B 101 -1.78 7.63 3.21
C LYS B 101 -2.60 8.87 3.58
N TYR B 102 -3.71 8.65 4.28
CA TYR B 102 -4.50 9.76 4.82
C TYR B 102 -3.67 10.58 5.81
N PHE B 103 -3.07 9.90 6.79
CA PHE B 103 -2.28 10.60 7.79
C PHE B 103 -1.05 11.27 7.20
N ASN B 104 -0.56 10.79 6.06
CA ASN B 104 0.54 11.49 5.39
C ASN B 104 0.05 12.69 4.60
N MET B 105 -1.06 12.53 3.88
CA MET B 105 -1.67 13.68 3.20
C MET B 105 -2.07 14.74 4.22
N ILE B 106 -2.69 14.33 5.32
CA ILE B 106 -3.01 15.27 6.39
C ILE B 106 -1.74 15.94 6.91
N ASP B 107 -0.69 15.15 7.08
CA ASP B 107 0.62 15.67 7.49
C ASP B 107 1.43 16.19 6.31
N GLY B 108 0.79 17.02 5.48
CA GLY B 108 1.45 17.77 4.43
C GLY B 108 2.37 17.01 3.50
N ASP B 109 2.08 15.75 3.24
CA ASP B 109 2.86 14.95 2.31
C ASP B 109 2.03 14.69 1.04
N SER B 110 2.67 14.01 0.09
CA SER B 110 1.97 13.65 -1.14
C SER B 110 0.84 12.68 -0.85
N PHE B 111 -0.04 12.52 -1.84
CA PHE B 111 -1.17 11.63 -1.68
C PHE B 111 -1.65 11.18 -3.05
N ASN B 112 -2.33 10.03 -3.06
CA ASN B 112 -2.89 9.45 -4.27
C ASN B 112 -4.36 9.82 -4.34
N GLU B 113 -4.74 10.62 -5.34
CA GLU B 113 -6.14 10.97 -5.51
C GLU B 113 -6.98 9.77 -5.89
N GLU B 114 -6.37 8.66 -6.27
CA GLU B 114 -7.09 7.44 -6.56
C GLU B 114 -7.48 6.71 -5.28
N GLU B 115 -6.50 6.41 -4.42
CA GLU B 115 -6.79 5.71 -3.19
C GLU B 115 -7.48 6.63 -2.18
N LEU B 116 -6.87 7.77 -1.89
CA LEU B 116 -7.53 8.80 -1.09
C LEU B 116 -8.54 9.50 -2.00
N GLN B 117 -9.82 9.14 -1.86
CA GLN B 117 -10.82 9.59 -2.82
C GLN B 117 -11.52 10.86 -2.36
N TYR B 118 -12.44 10.73 -1.40
CA TYR B 118 -13.12 11.85 -0.79
C TYR B 118 -12.48 12.27 0.51
N LEU B 119 -11.42 11.57 0.94
CA LEU B 119 -10.54 12.11 1.96
C LEU B 119 -9.59 13.16 1.40
N SER B 120 -9.54 13.30 0.07
CA SER B 120 -8.70 14.33 -0.53
C SER B 120 -9.19 15.73 -0.19
N VAL B 121 -10.45 15.86 0.24
CA VAL B 121 -10.98 17.15 0.69
C VAL B 121 -10.14 17.71 1.83
N PHE B 122 -9.48 16.84 2.61
CA PHE B 122 -8.64 17.25 3.73
C PHE B 122 -7.17 17.39 3.36
N LYS B 123 -6.86 17.66 2.09
CA LYS B 123 -5.46 17.63 1.66
C LYS B 123 -4.67 18.82 2.17
N ASN B 124 -5.33 19.90 2.56
CA ASN B 124 -4.67 21.11 3.01
C ASN B 124 -5.18 21.52 4.38
N ILE B 125 -5.38 20.53 5.25
CA ILE B 125 -5.81 20.82 6.62
C ILE B 125 -4.62 21.29 7.45
N SER B 126 -3.41 20.90 7.06
CA SER B 126 -2.20 21.27 7.78
C SER B 126 -1.90 22.77 7.60
N LYS B 127 -2.83 23.49 6.99
CA LYS B 127 -2.76 24.94 6.82
C LYS B 127 -3.80 25.67 7.65
N GLN B 128 -4.58 24.95 8.45
CA GLN B 128 -5.58 25.54 9.33
C GLN B 128 -5.15 25.40 10.77
N LEU B 129 -5.65 26.29 11.63
CA LEU B 129 -5.25 26.35 13.02
C LEU B 129 -6.00 25.29 13.81
N ASN B 130 -5.29 24.23 14.20
CA ASN B 130 -5.78 23.21 15.13
C ASN B 130 -6.96 22.43 14.57
N ARG B 131 -6.95 22.17 13.27
CA ARG B 131 -7.88 21.24 12.65
C ARG B 131 -7.20 19.96 12.21
N ILE B 132 -5.90 19.80 12.53
CA ILE B 132 -5.17 18.61 12.15
C ILE B 132 -5.56 17.42 13.02
N LYS B 133 -5.78 17.64 14.32
CA LYS B 133 -6.21 16.60 15.23
C LYS B 133 -7.72 16.43 15.25
N CYS B 134 -8.45 17.25 14.50
CA CYS B 134 -9.86 16.99 14.22
C CYS B 134 -10.02 16.03 13.05
N ALA B 135 -9.07 16.06 12.12
CA ALA B 135 -9.02 15.16 10.97
C ALA B 135 -8.27 13.87 11.26
N LYS B 136 -7.86 13.66 12.50
CA LYS B 136 -7.11 12.46 12.86
C LYS B 136 -7.72 11.66 14.02
N VAL B 137 -8.62 12.26 14.81
CA VAL B 137 -9.03 11.65 16.07
C VAL B 137 -9.83 10.37 15.82
N GLY B 138 -10.84 10.45 14.94
CA GLY B 138 -11.66 9.29 14.67
C GLY B 138 -10.94 8.22 13.87
N ILE B 139 -9.99 8.62 13.01
CA ILE B 139 -9.22 7.65 12.23
C ILE B 139 -8.08 7.06 13.06
N VAL B 140 -7.59 7.77 14.08
CA VAL B 140 -6.66 7.17 15.03
C VAL B 140 -7.34 6.04 15.79
N ALA B 141 -8.62 6.23 16.14
CA ALA B 141 -9.36 5.17 16.83
C ALA B 141 -9.55 3.95 15.94
N ILE B 142 -9.84 4.18 14.65
CA ILE B 142 -9.95 3.07 13.71
C ILE B 142 -8.64 2.29 13.66
N GLU B 143 -7.51 3.00 13.69
CA GLU B 143 -6.20 2.34 13.59
C GLU B 143 -5.99 1.37 14.75
N GLN B 144 -6.26 1.82 15.97
CA GLN B 144 -6.06 0.96 17.15
C GLN B 144 -6.82 -0.35 16.99
N LEU B 145 -8.03 -0.28 16.42
CA LEU B 145 -8.83 -1.48 16.26
C LEU B 145 -8.33 -2.36 15.12
N VAL B 146 -7.70 -1.77 14.10
CA VAL B 146 -7.21 -2.61 13.01
C VAL B 146 -5.86 -3.23 13.36
N THR B 147 -5.09 -2.58 14.23
CA THR B 147 -3.87 -3.22 14.74
C THR B 147 -4.21 -4.37 15.67
N LYS B 148 -5.27 -4.21 16.47
CA LYS B 148 -5.78 -5.29 17.30
C LYS B 148 -6.31 -6.42 16.44
#